data_3CHM
#
_entry.id   3CHM
#
_cell.length_a   57.094
_cell.length_b   85.796
_cell.length_c   72.343
_cell.angle_alpha   90.00
_cell.angle_beta   90.00
_cell.angle_gamma   90.00
#
_symmetry.space_group_name_H-M   'C 2 2 21'
#
loop_
_entity.id
_entity.type
_entity.pdbx_description
1 polymer 'COP9 signalosome complex subunit 7'
2 non-polymer 'MAGNESIUM ION'
3 non-polymer 'ACETATE ION'
4 water water
#
_entity_poly.entity_id   1
_entity_poly.type   'polypeptide(L)'
_entity_poly.pdbx_seq_one_letter_code
;GDIEQKQAEIIDQLVKRASTCKSEALGPLIIEATSHPSLFAFSEILALPNVAQLEGTTDSVYLDLLRLFAHGTWGDYKCN
ATRLPHLSPDQILKLKQLTVLTLAESNKVLPYDTLMVELDVSNVRELEDFLINECMYAGIVRGKLDQLKRCFEVPFAAGR
DLRPGQLGN
;
_entity_poly.pdbx_strand_id   A
#
loop_
_chem_comp.id
_chem_comp.type
_chem_comp.name
_chem_comp.formula
ACT non-polymer 'ACETATE ION' 'C2 H3 O2 -1'
MG non-polymer 'MAGNESIUM ION' 'Mg 2'
#
# COMPACT_ATOMS: atom_id res chain seq x y z
N GLU A 4 -2.05 -11.75 11.55
CA GLU A 4 -1.12 -10.97 10.67
C GLU A 4 -0.41 -11.86 9.63
N GLN A 5 -1.06 -12.54 8.68
CA GLN A 5 -2.45 -12.43 8.33
C GLN A 5 -3.51 -12.71 9.40
N LYS A 6 -4.51 -11.87 9.05
N LYS A 6 -4.51 -11.87 9.04
CA LYS A 6 -5.28 -10.87 9.76
CA LYS A 6 -5.27 -10.87 9.74
C LYS A 6 -5.74 -10.20 8.45
C LYS A 6 -5.74 -10.23 8.42
N GLN A 7 -4.75 -10.00 7.57
CA GLN A 7 -4.93 -9.57 6.20
C GLN A 7 -5.78 -10.51 5.36
N ALA A 8 -5.54 -11.81 5.46
CA ALA A 8 -6.34 -12.79 4.72
C ALA A 8 -7.79 -12.70 5.17
N GLU A 9 -7.99 -12.44 6.45
N GLU A 9 -7.99 -12.46 6.45
CA GLU A 9 -9.33 -12.30 7.01
CA GLU A 9 -9.33 -12.29 7.02
C GLU A 9 -10.06 -11.08 6.44
C GLU A 9 -10.04 -11.09 6.42
N ILE A 10 -9.37 -9.95 6.40
CA ILE A 10 -9.99 -8.73 5.88
C ILE A 10 -10.25 -8.85 4.37
N ILE A 11 -9.32 -9.44 3.64
CA ILE A 11 -9.54 -9.69 2.20
C ILE A 11 -10.79 -10.54 2.00
N ASP A 12 -10.95 -11.57 2.81
N ASP A 12 -10.85 -11.67 2.68
CA ASP A 12 -12.16 -12.40 2.81
CA ASP A 12 -11.96 -12.60 2.49
C ASP A 12 -13.44 -11.56 2.98
C ASP A 12 -13.28 -11.89 2.75
N GLN A 13 -13.48 -10.78 4.05
N GLN A 13 -13.30 -11.03 3.77
CA GLN A 13 -14.64 -9.95 4.32
CA GLN A 13 -14.46 -10.22 4.12
C GLN A 13 -14.90 -8.97 3.17
C GLN A 13 -14.83 -9.18 3.05
N LEU A 14 -13.84 -8.42 2.60
CA LEU A 14 -14.02 -7.42 1.54
C LEU A 14 -14.49 -8.05 0.23
N VAL A 15 -13.96 -9.22 -0.09
CA VAL A 15 -14.37 -9.95 -1.28
C VAL A 15 -15.81 -10.41 -1.17
N LYS A 16 -16.23 -10.84 0.02
CA LYS A 16 -17.59 -11.31 0.23
C LYS A 16 -18.54 -10.10 0.06
N ARG A 17 -18.16 -8.94 0.59
CA ARG A 17 -18.99 -7.76 0.48
C ARG A 17 -19.05 -7.24 -0.96
N ALA A 18 -17.90 -7.21 -1.63
CA ALA A 18 -17.86 -6.78 -3.02
C ALA A 18 -18.75 -7.63 -3.93
N SER A 19 -18.84 -8.93 -3.63
N SER A 19 -18.84 -8.92 -3.63
CA SER A 19 -19.61 -9.88 -4.44
CA SER A 19 -19.61 -9.84 -4.46
C SER A 19 -21.06 -10.05 -3.99
C SER A 19 -21.09 -9.82 -4.16
N THR A 20 -21.47 -9.27 -3.01
CA THR A 20 -22.87 -9.21 -2.61
C THR A 20 -23.48 -7.81 -2.70
N CYS A 21 -22.64 -6.77 -2.62
N CYS A 21 -22.61 -6.78 -2.66
CA CYS A 21 -23.19 -5.40 -2.54
CA CYS A 21 -23.08 -5.39 -2.64
C CYS A 21 -23.43 -4.78 -3.92
C CYS A 21 -23.48 -4.90 -4.02
N LYS A 22 -24.23 -3.72 -3.94
N LYS A 22 -24.27 -3.83 -4.05
CA LYS A 22 -24.49 -2.99 -5.18
CA LYS A 22 -24.53 -3.14 -5.30
C LYS A 22 -23.18 -2.48 -5.74
C LYS A 22 -23.25 -2.45 -5.75
N SER A 23 -23.09 -2.35 -7.06
CA SER A 23 -21.88 -1.78 -7.68
C SER A 23 -21.58 -0.34 -7.19
N GLU A 24 -22.64 0.39 -6.83
CA GLU A 24 -22.51 1.73 -6.24
C GLU A 24 -21.71 1.78 -4.92
N ALA A 25 -21.63 0.64 -4.24
CA ALA A 25 -20.92 0.54 -2.97
C ALA A 25 -19.43 0.22 -3.17
N LEU A 26 -19.01 -0.01 -4.41
CA LEU A 26 -17.62 -0.42 -4.65
C LEU A 26 -16.61 0.70 -4.44
N GLY A 27 -16.93 1.92 -4.85
CA GLY A 27 -16.06 3.07 -4.59
C GLY A 27 -15.76 3.25 -3.11
N PRO A 28 -16.83 3.33 -2.29
CA PRO A 28 -16.63 3.35 -0.84
C PRO A 28 -15.83 2.15 -0.30
N LEU A 29 -16.09 0.96 -0.85
CA LEU A 29 -15.33 -0.23 -0.45
C LEU A 29 -13.84 -0.08 -0.78
N ILE A 30 -13.54 0.50 -1.93
CA ILE A 30 -12.16 0.78 -2.29
C ILE A 30 -11.49 1.78 -1.35
N ILE A 31 -12.21 2.83 -0.98
N ILE A 31 -12.19 2.84 -0.96
CA ILE A 31 -11.66 3.79 0.01
CA ILE A 31 -11.60 3.76 0.02
C ILE A 31 -11.43 3.08 1.35
C ILE A 31 -11.40 3.06 1.36
N GLU A 32 -12.40 2.28 1.77
CA GLU A 32 -12.26 1.47 2.98
C GLU A 32 -11.03 0.55 2.94
N ALA A 33 -10.84 -0.19 1.83
CA ALA A 33 -9.72 -1.10 1.70
C ALA A 33 -8.39 -0.36 1.77
N THR A 34 -8.29 0.72 1.01
CA THR A 34 -7.04 1.46 0.96
C THR A 34 -6.75 2.28 2.24
N SER A 35 -7.72 2.33 3.14
CA SER A 35 -7.56 2.98 4.46
C SER A 35 -7.42 1.98 5.61
N HIS A 36 -7.54 0.70 5.32
CA HIS A 36 -7.60 -0.32 6.36
C HIS A 36 -6.22 -0.62 6.93
N PRO A 37 -6.06 -0.53 8.26
CA PRO A 37 -4.73 -0.66 8.84
C PRO A 37 -4.01 -2.00 8.62
N SER A 38 -4.73 -3.08 8.35
CA SER A 38 -4.12 -4.40 8.22
C SER A 38 -3.96 -4.86 6.79
N LEU A 39 -4.29 -4.03 5.80
CA LEU A 39 -4.32 -4.49 4.42
C LEU A 39 -3.21 -3.88 3.57
N PHE A 40 -2.40 -4.75 2.98
CA PHE A 40 -1.27 -4.34 2.12
C PHE A 40 -1.26 -5.00 0.74
N ALA A 41 -2.14 -5.98 0.55
CA ALA A 41 -2.21 -6.74 -0.67
C ALA A 41 -3.56 -6.43 -1.29
N PHE A 42 -3.54 -5.92 -2.50
CA PHE A 42 -4.76 -5.48 -3.20
C PHE A 42 -5.06 -6.21 -4.49
N SER A 43 -4.22 -7.17 -4.88
N SER A 43 -4.23 -7.17 -4.89
CA SER A 43 -4.36 -7.86 -6.15
CA SER A 43 -4.40 -7.81 -6.19
C SER A 43 -5.68 -8.62 -6.28
C SER A 43 -5.67 -8.65 -6.30
N GLU A 44 -6.03 -9.40 -5.24
CA GLU A 44 -7.26 -10.24 -5.29
C GLU A 44 -8.49 -9.36 -5.44
N ILE A 45 -8.51 -8.24 -4.71
CA ILE A 45 -9.61 -7.28 -4.82
C ILE A 45 -9.67 -6.62 -6.19
N LEU A 46 -8.52 -6.16 -6.69
CA LEU A 46 -8.44 -5.60 -8.04
C LEU A 46 -8.91 -6.57 -9.14
N ALA A 47 -8.61 -7.85 -8.97
CA ALA A 47 -8.99 -8.87 -9.94
C ALA A 47 -10.48 -9.24 -9.95
N LEU A 48 -11.24 -8.82 -8.95
CA LEU A 48 -12.68 -9.14 -8.91
C LEU A 48 -13.38 -8.59 -10.14
N PRO A 49 -14.18 -9.43 -10.82
CA PRO A 49 -14.92 -8.90 -11.97
C PRO A 49 -15.81 -7.72 -11.61
N ASN A 50 -16.27 -7.67 -10.36
CA ASN A 50 -17.13 -6.60 -9.88
C ASN A 50 -16.40 -5.25 -10.00
N VAL A 51 -15.13 -5.27 -9.63
CA VAL A 51 -14.30 -4.06 -9.60
C VAL A 51 -13.84 -3.63 -10.99
N ALA A 52 -13.46 -4.62 -11.81
CA ALA A 52 -13.02 -4.37 -13.18
C ALA A 52 -14.10 -3.64 -13.98
N GLN A 53 -15.36 -3.89 -13.66
CA GLN A 53 -16.47 -3.30 -14.37
C GLN A 53 -16.78 -1.85 -13.98
N LEU A 54 -16.02 -1.28 -13.04
CA LEU A 54 -16.07 0.16 -12.81
C LEU A 54 -15.45 0.94 -13.95
N GLU A 55 -14.66 0.28 -14.79
CA GLU A 55 -14.02 0.96 -15.90
CA GLU A 55 -14.03 0.99 -15.89
C GLU A 55 -15.11 1.55 -16.81
N GLY A 56 -14.93 2.80 -17.22
CA GLY A 56 -15.89 3.46 -18.09
C GLY A 56 -17.04 4.16 -17.38
N THR A 57 -17.20 3.90 -16.09
CA THR A 57 -18.26 4.48 -15.29
C THR A 57 -17.78 5.75 -14.58
N THR A 58 -18.71 6.44 -13.93
CA THR A 58 -18.37 7.63 -13.15
C THR A 58 -17.44 7.31 -11.98
N ASP A 59 -17.35 6.02 -11.60
CA ASP A 59 -16.46 5.63 -10.51
C ASP A 59 -15.15 5.01 -11.03
N SER A 60 -14.85 5.15 -12.31
N SER A 60 -14.88 5.18 -12.32
CA SER A 60 -13.61 4.62 -12.87
CA SER A 60 -13.63 4.68 -12.91
C SER A 60 -12.37 5.16 -12.14
C SER A 60 -12.38 5.16 -12.15
N VAL A 61 -12.41 6.39 -11.66
CA VAL A 61 -11.25 6.93 -10.93
C VAL A 61 -10.92 6.12 -9.66
N TYR A 62 -11.93 5.47 -9.10
CA TYR A 62 -11.69 4.62 -7.93
C TYR A 62 -11.05 3.29 -8.30
N LEU A 63 -11.31 2.80 -9.49
CA LEU A 63 -10.56 1.68 -10.02
C LEU A 63 -9.10 2.10 -10.23
N ASP A 64 -8.88 3.31 -10.74
CA ASP A 64 -7.52 3.83 -10.92
C ASP A 64 -6.81 3.91 -9.57
N LEU A 65 -7.50 4.37 -8.54
CA LEU A 65 -6.95 4.44 -7.20
C LEU A 65 -6.56 3.05 -6.69
N LEU A 66 -7.42 2.05 -6.91
CA LEU A 66 -7.11 0.68 -6.49
C LEU A 66 -5.90 0.12 -7.25
N ARG A 67 -5.82 0.40 -8.53
CA ARG A 67 -4.65 -0.01 -9.32
C ARG A 67 -3.37 0.57 -8.74
N LEU A 68 -3.43 1.82 -8.32
CA LEU A 68 -2.28 2.49 -7.71
C LEU A 68 -1.86 1.75 -6.45
N PHE A 69 -2.83 1.44 -5.58
CA PHE A 69 -2.52 0.77 -4.34
C PHE A 69 -2.04 -0.68 -4.54
N ALA A 70 -2.44 -1.28 -5.67
CA ALA A 70 -1.98 -2.62 -6.03
C ALA A 70 -0.57 -2.61 -6.58
N HIS A 71 -0.25 -1.63 -7.44
CA HIS A 71 0.95 -1.67 -8.30
C HIS A 71 1.91 -0.50 -8.24
N GLY A 72 1.47 0.63 -7.72
CA GLY A 72 2.25 1.84 -7.79
C GLY A 72 2.92 2.22 -6.50
N THR A 73 3.75 3.24 -6.60
CA THR A 73 4.46 3.79 -5.46
C THR A 73 3.93 5.20 -5.14
N TRP A 74 4.45 5.80 -4.06
CA TRP A 74 4.13 7.19 -3.73
C TRP A 74 4.39 8.13 -4.92
N GLY A 75 5.50 7.89 -5.62
CA GLY A 75 5.83 8.67 -6.83
C GLY A 75 4.74 8.57 -7.88
N ASP A 76 4.22 7.37 -8.10
CA ASP A 76 3.12 7.22 -9.06
C ASP A 76 1.89 8.02 -8.64
N TYR A 77 1.59 8.08 -7.36
CA TYR A 77 0.49 8.93 -6.92
C TYR A 77 0.78 10.40 -7.27
N LYS A 78 1.97 10.88 -6.94
CA LYS A 78 2.27 12.30 -7.19
C LYS A 78 2.10 12.64 -8.66
N CYS A 79 2.55 11.72 -9.54
N CYS A 79 2.51 11.77 -9.57
CA CYS A 79 2.43 11.86 -11.00
CA CYS A 79 2.35 12.15 -10.98
C CYS A 79 0.97 11.99 -11.46
C CYS A 79 0.97 11.86 -11.55
N ASN A 80 0.06 11.36 -10.73
CA ASN A 80 -1.33 11.18 -11.16
C ASN A 80 -2.32 11.92 -10.25
N ALA A 81 -1.80 12.76 -9.37
CA ALA A 81 -2.62 13.37 -8.33
C ALA A 81 -3.74 14.23 -8.90
N THR A 82 -3.52 14.86 -10.05
CA THR A 82 -4.57 15.71 -10.65
C THR A 82 -5.71 14.91 -11.26
N ARG A 83 -5.57 13.58 -11.32
CA ARG A 83 -6.57 12.69 -11.89
C ARG A 83 -7.03 11.63 -10.91
N LEU A 84 -6.80 11.85 -9.62
CA LEU A 84 -7.24 10.95 -8.58
C LEU A 84 -7.88 11.78 -7.48
N PRO A 85 -8.72 11.15 -6.65
CA PRO A 85 -9.16 11.86 -5.47
C PRO A 85 -8.00 12.18 -4.54
N HIS A 86 -8.17 13.22 -3.72
CA HIS A 86 -7.18 13.52 -2.71
C HIS A 86 -7.19 12.43 -1.66
N LEU A 87 -6.03 12.13 -1.12
CA LEU A 87 -5.83 11.05 -0.15
C LEU A 87 -5.88 11.57 1.27
N SER A 88 -6.32 10.70 2.17
CA SER A 88 -6.31 10.95 3.60
C SER A 88 -4.95 10.64 4.20
N PRO A 89 -4.70 11.12 5.42
CA PRO A 89 -3.44 10.72 6.07
C PRO A 89 -3.23 9.20 6.11
N ASP A 90 -4.27 8.43 6.36
CA ASP A 90 -4.13 6.97 6.43
C ASP A 90 -3.72 6.40 5.06
N GLN A 91 -4.30 6.94 3.98
CA GLN A 91 -3.99 6.45 2.63
C GLN A 91 -2.56 6.82 2.25
N ILE A 92 -2.14 8.04 2.62
CA ILE A 92 -0.76 8.49 2.33
C ILE A 92 0.26 7.59 3.03
N LEU A 93 0.01 7.35 4.32
CA LEU A 93 0.85 6.43 5.12
C LEU A 93 0.94 5.08 4.44
N LYS A 94 -0.20 4.53 4.06
CA LYS A 94 -0.21 3.21 3.44
C LYS A 94 0.58 3.19 2.14
N LEU A 95 0.41 4.18 1.28
CA LEU A 95 1.15 4.17 0.02
C LEU A 95 2.65 4.23 0.26
N LYS A 96 3.07 5.01 1.26
CA LYS A 96 4.51 5.05 1.63
C LYS A 96 5.01 3.71 2.19
N GLN A 97 4.19 3.07 3.02
CA GLN A 97 4.55 1.70 3.49
C GLN A 97 4.69 0.74 2.29
N LEU A 98 3.73 0.81 1.36
CA LEU A 98 3.76 -0.07 0.20
C LEU A 98 4.99 0.21 -0.67
N THR A 99 5.39 1.47 -0.73
CA THR A 99 6.62 1.83 -1.45
C THR A 99 7.85 1.14 -0.84
N VAL A 100 7.95 1.10 0.49
CA VAL A 100 9.02 0.35 1.12
C VAL A 100 8.96 -1.13 0.72
N LEU A 101 7.77 -1.71 0.68
CA LEU A 101 7.64 -3.09 0.26
C LEU A 101 8.13 -3.31 -1.17
N THR A 102 7.81 -2.39 -2.08
CA THR A 102 8.31 -2.48 -3.46
C THR A 102 9.84 -2.44 -3.49
N LEU A 103 10.40 -1.52 -2.74
CA LEU A 103 11.86 -1.39 -2.73
C LEU A 103 12.52 -2.64 -2.20
N ALA A 104 11.94 -3.24 -1.15
CA ALA A 104 12.50 -4.43 -0.48
C ALA A 104 12.41 -5.64 -1.37
N GLU A 105 11.46 -5.65 -2.30
CA GLU A 105 11.32 -6.75 -3.25
C GLU A 105 12.53 -6.77 -4.20
N SER A 106 12.98 -5.58 -4.61
CA SER A 106 14.10 -5.44 -5.54
C SER A 106 15.47 -5.62 -4.89
N ASN A 107 15.60 -5.26 -3.62
CA ASN A 107 16.88 -5.25 -2.92
C ASN A 107 16.71 -5.46 -1.42
N LYS A 108 17.54 -6.32 -0.84
N LYS A 108 17.53 -6.32 -0.84
CA LYS A 108 17.47 -6.59 0.61
CA LYS A 108 17.46 -6.57 0.60
C LYS A 108 18.37 -5.65 1.43
C LYS A 108 18.23 -5.53 1.42
N VAL A 109 19.05 -4.72 0.76
CA VAL A 109 19.74 -3.63 1.43
C VAL A 109 19.30 -2.33 0.75
N LEU A 110 18.72 -1.43 1.54
CA LEU A 110 18.14 -0.19 1.01
C LEU A 110 18.89 1.02 1.56
N PRO A 111 19.59 1.77 0.69
CA PRO A 111 20.25 2.99 1.14
C PRO A 111 19.25 4.05 1.63
N TYR A 112 19.61 4.74 2.71
CA TYR A 112 18.79 5.81 3.27
C TYR A 112 18.50 6.88 2.21
N ASP A 113 19.47 7.23 1.39
CA ASP A 113 19.26 8.31 0.43
C ASP A 113 18.15 7.97 -0.57
N THR A 114 18.13 6.71 -1.02
CA THR A 114 17.08 6.21 -1.93
C THR A 114 15.71 6.23 -1.25
N LEU A 115 15.65 5.72 -0.03
CA LEU A 115 14.42 5.74 0.72
C LEU A 115 13.88 7.15 0.89
N MET A 116 14.75 8.11 1.21
CA MET A 116 14.29 9.47 1.45
C MET A 116 13.65 10.09 0.21
N VAL A 117 14.22 9.81 -0.95
CA VAL A 117 13.66 10.33 -2.21
C VAL A 117 12.32 9.68 -2.50
N GLU A 118 12.25 8.37 -2.34
CA GLU A 118 11.02 7.62 -2.69
C GLU A 118 9.87 7.96 -1.75
N LEU A 119 10.17 8.30 -0.51
CA LEU A 119 9.13 8.52 0.49
C LEU A 119 8.88 10.00 0.81
N ASP A 120 9.62 10.90 0.16
CA ASP A 120 9.52 12.34 0.46
C ASP A 120 9.75 12.61 1.94
N VAL A 121 10.78 11.97 2.49
CA VAL A 121 11.21 12.20 3.85
C VAL A 121 12.48 13.04 3.80
N SER A 122 12.53 14.08 4.61
N SER A 122 12.54 14.09 4.61
CA SER A 122 13.55 15.12 4.49
CA SER A 122 13.58 15.12 4.46
C SER A 122 14.87 14.79 5.21
C SER A 122 14.81 14.94 5.35
N ASN A 123 14.79 13.98 6.27
CA ASN A 123 15.93 13.74 7.12
C ASN A 123 15.96 12.33 7.67
N VAL A 124 17.14 11.90 8.11
CA VAL A 124 17.34 10.52 8.53
C VAL A 124 16.53 10.15 9.77
N ARG A 125 16.37 11.09 10.69
N ARG A 125 16.43 11.06 10.72
CA ARG A 125 15.48 10.93 11.85
CA ARG A 125 15.68 10.85 11.95
C ARG A 125 14.05 10.59 11.42
C ARG A 125 14.23 10.49 11.63
N GLU A 126 13.46 11.42 10.57
N GLU A 126 13.63 11.27 10.73
CA GLU A 126 12.11 11.17 10.08
CA GLU A 126 12.24 11.05 10.30
C GLU A 126 12.05 9.82 9.38
C GLU A 126 12.13 9.74 9.52
N LEU A 127 13.10 9.48 8.64
CA LEU A 127 13.13 8.19 7.92
C LEU A 127 13.13 7.00 8.90
N GLU A 128 14.04 7.04 9.86
CA GLU A 128 14.16 5.94 10.81
C GLU A 128 12.86 5.80 11.61
N ASP A 129 12.31 6.92 12.06
CA ASP A 129 11.02 6.93 12.73
CA ASP A 129 11.02 6.90 12.75
C ASP A 129 9.93 6.23 11.90
N PHE A 130 9.89 6.51 10.60
CA PHE A 130 8.89 5.92 9.70
C PHE A 130 9.13 4.41 9.60
N LEU A 131 10.38 4.03 9.37
CA LEU A 131 10.68 2.62 9.22
C LEU A 131 10.36 1.82 10.49
N ILE A 132 10.67 2.36 11.66
CA ILE A 132 10.44 1.66 12.92
C ILE A 132 8.97 1.74 13.34
N ASN A 133 8.46 2.97 13.41
CA ASN A 133 7.19 3.23 14.08
C ASN A 133 5.96 3.05 13.18
N GLU A 134 6.17 2.96 11.87
CA GLU A 134 5.10 2.63 10.93
C GLU A 134 5.30 1.31 10.23
N CYS A 135 6.51 1.00 9.77
CA CYS A 135 6.71 -0.21 8.99
C CYS A 135 6.91 -1.45 9.87
N MET A 136 7.93 -1.41 10.72
CA MET A 136 8.15 -2.52 11.65
C MET A 136 6.95 -2.66 12.57
N TYR A 137 6.41 -1.53 13.03
CA TYR A 137 5.24 -1.56 13.92
C TYR A 137 4.08 -2.33 13.30
N ALA A 138 3.84 -2.11 12.01
CA ALA A 138 2.73 -2.77 11.29
C ALA A 138 3.00 -4.24 11.01
N GLY A 139 4.23 -4.69 11.22
CA GLY A 139 4.58 -6.09 10.97
C GLY A 139 4.88 -6.42 9.53
N ILE A 140 5.07 -5.40 8.69
CA ILE A 140 5.27 -5.63 7.27
C ILE A 140 6.73 -5.79 6.84
N VAL A 141 7.65 -5.41 7.73
CA VAL A 141 9.08 -5.65 7.53
C VAL A 141 9.74 -6.02 8.85
N ARG A 142 10.81 -6.80 8.74
CA ARG A 142 11.75 -7.01 9.84
C ARG A 142 13.13 -6.84 9.25
N GLY A 143 13.96 -6.09 9.95
CA GLY A 143 15.31 -5.86 9.47
C GLY A 143 16.14 -5.13 10.48
N LYS A 144 17.22 -4.55 9.99
CA LYS A 144 18.18 -3.87 10.84
C LYS A 144 18.49 -2.50 10.28
N LEU A 145 18.54 -1.51 11.15
CA LEU A 145 18.96 -0.17 10.76
C LEU A 145 20.42 -0.02 11.09
N ASP A 146 21.20 0.42 10.10
CA ASP A 146 22.64 0.67 10.24
C ASP A 146 22.84 2.16 10.07
N GLN A 147 22.89 2.87 11.19
N GLN A 147 23.01 2.84 11.18
CA GLN A 147 23.07 4.33 11.16
CA GLN A 147 23.08 4.29 11.20
C GLN A 147 24.43 4.72 10.59
C GLN A 147 24.43 4.75 10.65
N LEU A 148 25.48 3.96 10.90
CA LEU A 148 26.83 4.31 10.45
C LEU A 148 26.95 4.17 8.92
N LYS A 149 26.33 3.13 8.35
CA LYS A 149 26.36 2.89 6.91
C LYS A 149 25.17 3.50 6.13
N ARG A 150 24.22 4.08 6.86
CA ARG A 150 23.05 4.73 6.26
C ARG A 150 22.30 3.75 5.37
N CYS A 151 21.96 2.61 5.94
N CYS A 151 21.91 2.64 5.98
CA CYS A 151 21.13 1.69 5.20
CA CYS A 151 21.42 1.47 5.26
C CYS A 151 20.24 0.87 6.09
C CYS A 151 20.35 0.71 6.07
N PHE A 152 19.24 0.33 5.42
CA PHE A 152 18.22 -0.53 6.03
C PHE A 152 18.37 -1.91 5.43
N GLU A 153 18.80 -2.88 6.23
N GLU A 153 18.83 -2.86 6.25
CA GLU A 153 18.89 -4.26 5.76
CA GLU A 153 18.87 -4.27 5.89
C GLU A 153 17.58 -4.99 6.07
C GLU A 153 17.46 -4.83 6.08
N VAL A 154 16.86 -5.36 5.01
CA VAL A 154 15.47 -5.83 5.09
C VAL A 154 15.31 -7.21 4.44
N PRO A 155 15.73 -8.25 5.16
CA PRO A 155 15.59 -9.61 4.65
C PRO A 155 14.15 -10.09 4.62
N PHE A 156 13.27 -9.49 5.43
CA PHE A 156 11.91 -9.99 5.60
C PHE A 156 10.94 -8.86 5.30
N ALA A 157 10.18 -9.00 4.23
CA ALA A 157 9.18 -8.02 3.85
C ALA A 157 7.94 -8.68 3.27
N ALA A 158 6.79 -8.16 3.68
CA ALA A 158 5.50 -8.57 3.13
C ALA A 158 5.47 -8.33 1.62
N GLY A 159 4.81 -9.23 0.91
CA GLY A 159 4.68 -9.14 -0.52
C GLY A 159 3.41 -8.44 -0.92
N ARG A 160 3.54 -7.53 -1.87
CA ARG A 160 2.37 -6.82 -2.41
C ARG A 160 1.56 -7.64 -3.35
N ASP A 161 2.21 -8.55 -4.08
N ASP A 161 2.21 -8.53 -4.10
CA ASP A 161 1.50 -9.35 -5.07
CA ASP A 161 1.51 -9.34 -5.09
C ASP A 161 0.96 -10.63 -4.46
C ASP A 161 0.94 -10.61 -4.47
N LEU A 162 0.93 -10.69 -3.14
CA LEU A 162 0.32 -11.80 -2.42
C LEU A 162 -1.10 -11.98 -2.90
N ARG A 163 -1.39 -13.17 -3.41
CA ARG A 163 -2.63 -13.45 -4.11
C ARG A 163 -2.94 -14.94 -3.97
N PRO A 164 -4.19 -15.35 -4.30
CA PRO A 164 -4.54 -16.77 -4.25
C PRO A 164 -3.68 -17.65 -5.16
MG MG B . 4.91 -6.93 -8.37
MG MG C . -1.23 -5.58 -4.44
C ACT D . 7.49 -10.29 7.10
O ACT D . 8.14 -11.31 6.73
OXT ACT D . 6.47 -9.88 6.50
CH3 ACT D . 7.92 -9.57 8.35
C ACT E . 6.53 -9.97 10.44
O ACT E . 7.53 -10.39 9.45
OXT ACT E . 5.31 -9.98 10.23
CH3 ACT E . 7.05 -9.54 11.74
C ACT F . -20.61 3.03 -10.66
O ACT F . -20.58 4.22 -11.05
OXT ACT F . -20.48 2.14 -11.54
CH3 ACT F . -20.79 2.66 -9.23
#